data_4PGT
#
_entry.id   4PGT
#
_cell.length_a   78.090
_cell.length_b   89.840
_cell.length_c   68.780
_cell.angle_alpha   90.00
_cell.angle_beta   98.13
_cell.angle_gamma   90.00
#
_symmetry.space_group_name_H-M   'C 1 2 1'
#
loop_
_entity.id
_entity.type
_entity.pdbx_description
1 polymer 'PROTEIN (GLUTATHIONE S-TRANSFERASE)'
2 non-polymer 'SULFATE ION'
3 non-polymer '2-AMINO-4-[1-(CARBOXYMETHYL-CARBAMOYL)-2-(9-HYDROXY-7,8-DIOXO-7,8,9,10-TETRAHYDRO-BENZO[DEF]CHRYSEN-10-YLSULFANYL)-ETHYLCARBAMOYL]-BUTYRIC ACID'
4 non-polymer '2-(N-MORPHOLINO)-ETHANESULFONIC ACID'
5 water water
#
_entity_poly.entity_id   1
_entity_poly.type   'polypeptide(L)'
_entity_poly.pdbx_seq_one_letter_code
;MPPYTVVYFPVRGRCAALRMLLADQGQSWKEEVVTVETWQEGSLKASCLYGQLPKFQDGDLTLYQSNTILRHLGRTLGLY
GKDQQEAALVDMVNDGVEDLR(CSO)KYVSLIYTNYEAGKDDYVKALPGQLKPFETLLSQNQGGKTFIVGDQISFADYNL
LDLLLIHEVLAPGCLDAFPLLSAYVGRLSARPKLKAFLASPEYVNLPINGNGKQ
;
_entity_poly.pdbx_strand_id   A,B
#
# COMPACT_ATOMS: atom_id res chain seq x y z
N MET A 1 -15.43 12.58 -24.52
CA MET A 1 -15.44 11.42 -23.62
C MET A 1 -15.11 11.87 -22.21
N PRO A 2 -15.47 11.08 -21.20
CA PRO A 2 -15.05 11.41 -19.83
C PRO A 2 -13.54 11.44 -19.77
N PRO A 3 -12.93 12.29 -18.95
CA PRO A 3 -11.47 12.21 -18.83
C PRO A 3 -11.03 11.03 -17.98
N TYR A 4 -11.95 10.28 -17.36
CA TYR A 4 -11.55 9.11 -16.57
C TYR A 4 -12.01 7.81 -17.21
N THR A 5 -11.11 6.84 -17.30
CA THR A 5 -11.46 5.51 -17.77
C THR A 5 -10.98 4.46 -16.76
N VAL A 6 -11.88 3.55 -16.43
CA VAL A 6 -11.62 2.41 -15.57
C VAL A 6 -11.57 1.13 -16.40
N VAL A 7 -10.41 0.48 -16.41
CA VAL A 7 -10.26 -0.80 -17.11
C VAL A 7 -10.23 -1.92 -16.08
N TYR A 8 -11.25 -2.78 -16.11
CA TYR A 8 -11.33 -3.81 -15.08
C TYR A 8 -12.19 -5.00 -15.53
N PHE A 9 -12.02 -6.10 -14.80
CA PHE A 9 -12.88 -7.27 -14.95
C PHE A 9 -14.28 -6.89 -14.49
N PRO A 10 -15.29 -7.67 -14.84
CA PRO A 10 -16.67 -7.32 -14.44
C PRO A 10 -16.93 -7.75 -13.00
N VAL A 11 -16.33 -7.04 -12.06
CA VAL A 11 -16.49 -7.32 -10.64
C VAL A 11 -16.34 -6.00 -9.87
N ARG A 12 -16.75 -6.04 -8.60
CA ARG A 12 -16.50 -4.85 -7.78
C ARG A 12 -15.04 -4.86 -7.38
N GLY A 13 -14.63 -5.81 -6.57
CA GLY A 13 -13.25 -6.04 -6.16
C GLY A 13 -12.50 -4.78 -5.81
N ARG A 14 -11.32 -4.62 -6.41
CA ARG A 14 -10.45 -3.48 -6.14
C ARG A 14 -10.89 -2.21 -6.84
N CYS A 15 -12.04 -2.19 -7.51
CA CYS A 15 -12.46 -0.95 -8.15
C CYS A 15 -13.67 -0.33 -7.45
N ALA A 16 -14.24 -1.02 -6.48
CA ALA A 16 -15.45 -0.61 -5.78
C ALA A 16 -15.32 0.74 -5.10
N ALA A 17 -14.29 0.85 -4.25
CA ALA A 17 -14.04 2.09 -3.53
C ALA A 17 -13.80 3.26 -4.47
N LEU A 18 -12.91 3.12 -5.46
CA LEU A 18 -12.70 4.30 -6.32
C LEU A 18 -13.96 4.62 -7.13
N ARG A 19 -14.78 3.64 -7.50
CA ARG A 19 -16.04 3.99 -8.19
C ARG A 19 -16.96 4.76 -7.24
N MET A 20 -17.06 4.32 -5.99
CA MET A 20 -17.84 5.04 -4.99
C MET A 20 -17.38 6.49 -4.85
N LEU A 21 -16.06 6.67 -4.80
CA LEU A 21 -15.47 8.00 -4.75
C LEU A 21 -15.99 8.87 -5.90
N LEU A 22 -15.79 8.40 -7.11
CA LEU A 22 -16.17 9.09 -8.34
C LEU A 22 -17.68 9.34 -8.38
N ALA A 23 -18.48 8.32 -8.12
CA ALA A 23 -19.92 8.54 -8.03
C ALA A 23 -20.25 9.67 -7.05
N ASP A 24 -19.85 9.48 -5.79
CA ASP A 24 -20.09 10.43 -4.73
C ASP A 24 -19.55 11.82 -5.00
N GLN A 25 -18.52 11.93 -5.84
CA GLN A 25 -17.95 13.24 -6.15
C GLN A 25 -18.53 13.78 -7.46
N GLY A 26 -19.59 13.14 -7.97
CA GLY A 26 -20.22 13.63 -9.17
C GLY A 26 -19.28 13.68 -10.36
N GLN A 27 -18.27 12.81 -10.40
CA GLN A 27 -17.34 12.79 -11.53
C GLN A 27 -17.80 11.81 -12.60
N SER A 28 -17.48 12.10 -13.85
CA SER A 28 -17.82 11.22 -14.96
C SER A 28 -16.69 10.26 -15.30
N TRP A 29 -17.04 9.01 -15.62
CA TRP A 29 -16.02 8.07 -16.07
C TRP A 29 -16.58 7.03 -17.03
N LYS A 30 -15.66 6.44 -17.79
CA LYS A 30 -16.00 5.35 -18.69
C LYS A 30 -15.54 4.03 -18.09
N GLU A 31 -16.36 2.99 -18.26
CA GLU A 31 -15.95 1.66 -17.81
C GLU A 31 -15.55 0.81 -19.02
N GLU A 32 -14.33 0.27 -19.01
CA GLU A 32 -13.92 -0.66 -20.04
C GLU A 32 -13.85 -2.06 -19.42
N VAL A 33 -14.80 -2.90 -19.80
CA VAL A 33 -14.89 -4.25 -19.26
C VAL A 33 -14.04 -5.25 -20.06
N VAL A 34 -13.35 -6.07 -19.30
CA VAL A 34 -12.41 -7.08 -19.73
C VAL A 34 -12.91 -8.47 -19.36
N THR A 35 -13.20 -9.30 -20.36
CA THR A 35 -13.59 -10.66 -20.01
C THR A 35 -12.39 -11.55 -19.73
N VAL A 36 -12.67 -12.75 -19.23
CA VAL A 36 -11.64 -13.75 -19.00
C VAL A 36 -11.01 -14.16 -20.34
N GLU A 37 -11.90 -14.35 -21.31
CA GLU A 37 -11.59 -14.56 -22.70
C GLU A 37 -10.45 -13.67 -23.16
N THR A 38 -10.73 -12.37 -23.12
CA THR A 38 -9.81 -11.32 -23.45
C THR A 38 -8.52 -11.41 -22.64
N TRP A 39 -8.68 -11.48 -21.32
CA TRP A 39 -7.51 -11.60 -20.45
C TRP A 39 -6.70 -12.83 -20.86
N GLN A 40 -7.40 -13.94 -21.08
CA GLN A 40 -6.78 -15.21 -21.42
C GLN A 40 -5.96 -15.11 -22.71
N GLU A 41 -6.25 -14.10 -23.53
CA GLU A 41 -5.51 -13.91 -24.76
C GLU A 41 -4.07 -13.50 -24.48
N GLY A 42 -3.89 -12.54 -23.58
CA GLY A 42 -2.61 -12.12 -23.09
C GLY A 42 -2.07 -10.82 -23.61
N SER A 43 -2.70 -10.23 -24.63
CA SER A 43 -2.16 -8.98 -25.17
C SER A 43 -2.35 -7.84 -24.18
N LEU A 44 -3.52 -7.81 -23.57
CA LEU A 44 -3.74 -6.78 -22.55
C LEU A 44 -2.71 -6.97 -21.43
N LYS A 45 -2.74 -8.12 -20.79
CA LYS A 45 -1.86 -8.48 -19.70
C LYS A 45 -0.42 -8.08 -20.01
N ALA A 46 0.06 -8.51 -21.17
CA ALA A 46 1.42 -8.24 -21.60
C ALA A 46 1.73 -6.74 -21.47
N SER A 47 0.72 -5.93 -21.79
CA SER A 47 0.84 -4.49 -21.79
C SER A 47 0.62 -3.84 -20.44
N CYS A 48 0.20 -4.58 -19.41
CA CYS A 48 0.00 -3.92 -18.13
C CYS A 48 1.32 -3.93 -17.35
N LEU A 49 1.65 -2.77 -16.80
CA LEU A 49 2.92 -2.58 -16.10
C LEU A 49 3.23 -3.71 -15.13
N TYR A 50 2.26 -4.06 -14.27
CA TYR A 50 2.55 -5.16 -13.36
C TYR A 50 1.78 -6.42 -13.75
N GLY A 51 1.30 -6.43 -14.99
CA GLY A 51 0.58 -7.55 -15.56
C GLY A 51 -0.78 -7.76 -14.93
N GLN A 52 -1.37 -6.71 -14.37
CA GLN A 52 -2.65 -6.88 -13.68
C GLN A 52 -3.58 -5.69 -13.89
N LEU A 53 -4.83 -5.85 -13.50
CA LEU A 53 -5.85 -4.82 -13.45
C LEU A 53 -6.15 -4.51 -11.98
N PRO A 54 -6.73 -3.36 -11.65
CA PRO A 54 -7.15 -2.35 -12.62
C PRO A 54 -6.01 -1.53 -13.26
N LYS A 55 -6.38 -1.02 -14.41
CA LYS A 55 -5.71 -0.03 -15.23
C LYS A 55 -6.58 1.22 -15.29
N PHE A 56 -6.04 2.39 -15.00
CA PHE A 56 -6.81 3.63 -14.94
C PHE A 56 -6.24 4.70 -15.85
N GLN A 57 -7.11 5.46 -16.52
CA GLN A 57 -6.57 6.55 -17.32
C GLN A 57 -7.22 7.87 -16.91
N ASP A 58 -6.39 8.85 -16.64
CA ASP A 58 -6.82 10.23 -16.40
C ASP A 58 -6.24 11.06 -17.54
N GLY A 59 -7.04 11.30 -18.58
CA GLY A 59 -6.47 11.86 -19.80
C GLY A 59 -5.33 10.97 -20.28
N ASP A 60 -4.16 11.53 -20.56
CA ASP A 60 -3.08 10.69 -21.06
C ASP A 60 -2.25 10.07 -19.95
N LEU A 61 -2.63 10.29 -18.69
CA LEU A 61 -1.94 9.63 -17.58
C LEU A 61 -2.56 8.25 -17.36
N THR A 62 -1.76 7.20 -17.48
CA THR A 62 -2.18 5.84 -17.24
C THR A 62 -1.61 5.35 -15.90
N LEU A 63 -2.49 4.89 -15.03
CA LEU A 63 -2.10 4.40 -13.72
C LEU A 63 -2.46 2.93 -13.54
N TYR A 64 -1.65 2.22 -12.77
CA TYR A 64 -1.91 0.86 -12.30
C TYR A 64 -1.93 0.91 -10.77
N GLN A 65 -2.37 -0.14 -10.11
CA GLN A 65 -2.39 -0.22 -8.65
C GLN A 65 -3.56 0.56 -8.05
N SER A 66 -4.59 -0.14 -7.57
CA SER A 66 -5.83 0.47 -7.09
C SER A 66 -5.62 1.59 -6.09
N ASN A 67 -4.69 1.42 -5.14
CA ASN A 67 -4.44 2.45 -4.15
C ASN A 67 -3.71 3.65 -4.73
N THR A 68 -2.99 3.44 -5.84
CA THR A 68 -2.38 4.55 -6.55
C THR A 68 -3.47 5.42 -7.18
N ILE A 69 -4.49 4.76 -7.73
CA ILE A 69 -5.62 5.51 -8.29
C ILE A 69 -6.40 6.24 -7.21
N LEU A 70 -6.63 5.61 -6.07
CA LEU A 70 -7.31 6.30 -4.97
C LEU A 70 -6.60 7.55 -4.51
N ARG A 71 -5.27 7.46 -4.35
CA ARG A 71 -4.47 8.59 -3.91
C ARG A 71 -4.41 9.68 -4.96
N HIS A 72 -4.35 9.24 -6.22
CA HIS A 72 -4.40 10.22 -7.31
C HIS A 72 -5.72 10.96 -7.30
N LEU A 73 -6.84 10.23 -7.23
CA LEU A 73 -8.11 10.95 -7.13
C LEU A 73 -8.18 11.72 -5.81
N GLY A 74 -7.68 11.11 -4.73
CA GLY A 74 -7.69 11.86 -3.47
C GLY A 74 -6.93 13.16 -3.60
N ARG A 75 -5.80 13.10 -4.30
CA ARG A 75 -4.97 14.29 -4.47
C ARG A 75 -5.69 15.34 -5.31
N THR A 76 -6.25 14.91 -6.43
CA THR A 76 -6.86 15.87 -7.36
C THR A 76 -8.19 16.42 -6.89
N LEU A 77 -8.99 15.63 -6.19
CA LEU A 77 -10.33 16.12 -5.84
C LEU A 77 -10.40 16.64 -4.41
N GLY A 78 -9.21 16.83 -3.82
CA GLY A 78 -9.05 17.34 -2.48
C GLY A 78 -9.64 16.45 -1.42
N LEU A 79 -9.38 15.14 -1.48
CA LEU A 79 -9.84 14.17 -0.50
C LEU A 79 -8.65 13.49 0.17
N TYR A 80 -7.72 14.31 0.66
CA TYR A 80 -6.46 13.84 1.22
C TYR A 80 -6.05 14.64 2.44
N GLY A 81 -7.04 15.08 3.23
CA GLY A 81 -6.81 15.79 4.46
C GLY A 81 -6.70 17.29 4.33
N LYS A 82 -6.73 18.00 5.45
CA LYS A 82 -6.68 19.45 5.51
C LYS A 82 -5.24 19.95 5.46
N ASP A 83 -4.34 19.15 6.03
CA ASP A 83 -2.94 19.52 6.14
C ASP A 83 -2.04 18.30 5.97
N GLN A 84 -0.73 18.47 6.15
CA GLN A 84 0.18 17.35 5.92
C GLN A 84 0.01 16.29 7.00
N GLN A 85 -0.29 16.74 8.21
CA GLN A 85 -0.54 15.84 9.33
C GLN A 85 -1.73 14.94 9.01
N GLU A 86 -2.83 15.58 8.62
CA GLU A 86 -4.00 14.82 8.21
C GLU A 86 -3.69 13.88 7.04
N ALA A 87 -2.89 14.31 6.07
CA ALA A 87 -2.54 13.47 4.91
C ALA A 87 -1.92 12.15 5.34
N ALA A 88 -1.09 12.20 6.38
CA ALA A 88 -0.44 10.98 6.87
C ALA A 88 -1.42 10.08 7.61
N LEU A 89 -2.29 10.65 8.43
CA LEU A 89 -3.27 9.78 9.10
C LEU A 89 -4.17 9.11 8.09
N VAL A 90 -4.51 9.86 7.04
CA VAL A 90 -5.28 9.30 5.93
C VAL A 90 -4.54 8.11 5.33
N ASP A 91 -3.23 8.27 5.10
CA ASP A 91 -2.44 7.16 4.59
C ASP A 91 -2.42 5.99 5.56
N MET A 92 -2.38 6.33 6.84
CA MET A 92 -2.26 5.29 7.87
C MET A 92 -3.52 4.45 7.92
N VAL A 93 -4.66 5.12 7.75
CA VAL A 93 -5.92 4.39 7.61
C VAL A 93 -5.91 3.52 6.37
N ASN A 94 -5.53 4.09 5.23
CA ASN A 94 -5.60 3.30 4.00
C ASN A 94 -4.68 2.10 4.04
N ASP A 95 -3.48 2.25 4.60
CA ASP A 95 -2.59 1.10 4.73
C ASP A 95 -3.23 0.00 5.56
N GLY A 96 -3.95 0.37 6.63
CA GLY A 96 -4.61 -0.63 7.44
C GLY A 96 -5.74 -1.31 6.67
N VAL A 97 -6.46 -0.53 5.87
CA VAL A 97 -7.55 -1.04 5.03
C VAL A 97 -6.99 -2.04 4.00
N GLU A 98 -5.92 -1.65 3.30
CA GLU A 98 -5.26 -2.57 2.38
C GLU A 98 -4.80 -3.84 3.08
N ASP A 99 -4.17 -3.70 4.25
CA ASP A 99 -3.70 -4.88 4.98
C ASP A 99 -4.80 -5.91 5.23
N LEU A 100 -5.97 -5.44 5.64
CA LEU A 100 -7.11 -6.34 5.85
C LEU A 100 -7.69 -6.80 4.51
N ARG A 101 -7.79 -5.92 3.52
CA ARG A 101 -8.28 -6.36 2.21
C ARG A 101 -7.40 -7.50 1.68
N LYS A 103 -5.93 -9.88 3.46
CA LYS A 103 -6.33 -11.14 4.09
C LYS A 103 -7.66 -11.61 3.51
N TYR A 104 -8.53 -10.65 3.20
CA TYR A 104 -9.84 -11.02 2.67
C TYR A 104 -9.70 -11.69 1.32
N VAL A 105 -8.96 -11.08 0.39
CA VAL A 105 -8.87 -11.70 -0.94
C VAL A 105 -8.18 -13.06 -0.89
N SER A 106 -7.35 -13.28 0.11
CA SER A 106 -6.68 -14.57 0.29
C SER A 106 -7.68 -15.64 0.72
N LEU A 107 -8.57 -15.24 1.63
CA LEU A 107 -9.63 -16.16 2.03
C LEU A 107 -10.55 -16.45 0.86
N ILE A 108 -11.07 -15.40 0.24
CA ILE A 108 -12.01 -15.55 -0.87
C ILE A 108 -11.45 -16.43 -1.98
N TYR A 109 -10.23 -16.16 -2.43
CA TYR A 109 -9.69 -16.88 -3.57
C TYR A 109 -8.82 -18.08 -3.24
N THR A 110 -8.33 -18.29 -2.02
CA THR A 110 -7.45 -19.47 -1.90
C THR A 110 -7.82 -20.38 -0.74
N ASN A 111 -8.70 -19.98 0.15
CA ASN A 111 -8.99 -20.80 1.33
C ASN A 111 -10.36 -20.56 1.93
N TYR A 112 -11.38 -20.31 1.10
CA TYR A 112 -12.69 -19.96 1.65
C TYR A 112 -13.25 -21.02 2.59
N GLU A 113 -13.45 -22.24 2.11
CA GLU A 113 -14.07 -23.30 2.89
C GLU A 113 -13.33 -23.58 4.20
N ALA A 114 -12.05 -23.88 4.11
CA ALA A 114 -11.24 -24.21 5.26
C ALA A 114 -10.97 -23.02 6.15
N GLY A 115 -10.86 -21.81 5.60
CA GLY A 115 -10.44 -20.68 6.41
C GLY A 115 -11.51 -19.81 6.99
N LYS A 116 -12.74 -19.89 6.52
CA LYS A 116 -13.79 -18.96 6.87
C LYS A 116 -14.08 -18.92 8.37
N ASP A 117 -14.15 -20.06 9.05
CA ASP A 117 -14.44 -19.95 10.49
C ASP A 117 -13.36 -19.16 11.21
N ASP A 118 -12.10 -19.48 10.94
CA ASP A 118 -10.99 -18.78 11.58
C ASP A 118 -10.94 -17.30 11.21
N TYR A 119 -11.33 -16.97 9.98
CA TYR A 119 -11.33 -15.58 9.54
C TYR A 119 -12.36 -14.75 10.32
N VAL A 120 -13.53 -15.36 10.51
CA VAL A 120 -14.62 -14.64 11.16
C VAL A 120 -14.31 -14.47 12.64
N LYS A 121 -13.59 -15.42 13.22
CA LYS A 121 -13.20 -15.35 14.61
C LYS A 121 -12.20 -14.21 14.86
N ALA A 122 -11.27 -14.02 13.93
CA ALA A 122 -10.24 -12.99 14.09
C ALA A 122 -10.71 -11.62 13.65
N LEU A 123 -11.86 -11.55 12.98
CA LEU A 123 -12.38 -10.33 12.38
C LEU A 123 -12.57 -9.17 13.33
N PRO A 124 -13.21 -9.33 14.50
CA PRO A 124 -13.36 -8.20 15.42
C PRO A 124 -12.05 -7.52 15.76
N GLY A 125 -10.98 -8.29 15.97
CA GLY A 125 -9.66 -7.74 16.27
C GLY A 125 -9.10 -6.94 15.12
N GLN A 126 -9.43 -7.34 13.89
CA GLN A 126 -8.99 -6.61 12.71
C GLN A 126 -9.81 -5.33 12.52
N LEU A 127 -11.05 -5.32 13.00
CA LEU A 127 -11.92 -4.18 12.79
C LEU A 127 -11.73 -3.11 13.86
N LYS A 128 -11.28 -3.53 15.03
CA LYS A 128 -11.18 -2.64 16.17
C LYS A 128 -10.35 -1.39 15.93
N PRO A 129 -9.18 -1.44 15.31
CA PRO A 129 -8.41 -0.20 15.12
C PRO A 129 -9.21 0.90 14.44
N PHE A 130 -10.13 0.53 13.55
CA PHE A 130 -10.90 1.57 12.87
C PHE A 130 -11.96 2.13 13.81
N GLU A 131 -12.57 1.27 14.62
CA GLU A 131 -13.49 1.77 15.64
C GLU A 131 -12.76 2.77 16.53
N THR A 132 -11.57 2.36 16.98
CA THR A 132 -10.70 3.21 17.77
C THR A 132 -10.42 4.52 17.03
N LEU A 133 -10.14 4.42 15.74
CA LEU A 133 -9.87 5.65 14.97
C LEU A 133 -11.08 6.56 14.97
N LEU A 134 -12.28 6.00 14.74
CA LEU A 134 -13.46 6.87 14.81
C LEU A 134 -13.68 7.42 16.21
N SER A 135 -13.47 6.62 17.24
CA SER A 135 -13.75 7.10 18.60
C SER A 135 -12.84 8.26 19.00
N GLN A 136 -11.75 8.43 18.26
CA GLN A 136 -10.76 9.47 18.52
C GLN A 136 -11.01 10.73 17.70
N ASN A 137 -12.03 10.71 16.86
CA ASN A 137 -12.25 11.88 16.00
C ASN A 137 -13.72 12.28 15.96
N GLN A 138 -14.07 13.32 16.72
CA GLN A 138 -15.45 13.76 16.85
C GLN A 138 -16.37 12.63 17.29
N GLY A 139 -15.90 11.75 18.16
CA GLY A 139 -16.70 10.64 18.62
C GLY A 139 -17.29 9.84 17.48
N GLY A 140 -16.60 9.80 16.35
CA GLY A 140 -17.02 8.99 15.22
C GLY A 140 -18.22 9.53 14.47
N LYS A 141 -18.61 10.77 14.73
CA LYS A 141 -19.78 11.33 14.06
C LYS A 141 -19.42 11.99 12.74
N THR A 142 -18.14 12.03 12.40
CA THR A 142 -17.74 12.67 11.15
C THR A 142 -17.13 11.68 10.17
N PHE A 143 -15.83 11.80 9.90
CA PHE A 143 -15.17 10.92 8.95
C PHE A 143 -14.03 10.17 9.62
N ILE A 144 -13.40 9.25 8.89
CA ILE A 144 -12.35 8.48 9.54
C ILE A 144 -11.18 9.38 9.93
N VAL A 145 -10.88 10.40 9.14
CA VAL A 145 -9.88 11.37 9.56
C VAL A 145 -10.45 12.78 9.41
N GLY A 146 -10.28 13.60 10.45
CA GLY A 146 -10.74 14.97 10.45
C GLY A 146 -12.22 15.12 10.20
N ASP A 147 -12.62 16.28 9.67
CA ASP A 147 -14.06 16.51 9.49
C ASP A 147 -14.44 16.65 8.02
N GLN A 148 -13.56 16.16 7.15
CA GLN A 148 -13.87 16.11 5.71
C GLN A 148 -13.54 14.71 5.20
N ILE A 149 -14.36 14.23 4.28
CA ILE A 149 -14.22 12.92 3.65
C ILE A 149 -12.85 12.83 2.98
N SER A 150 -12.33 11.62 2.85
CA SER A 150 -11.04 11.34 2.23
C SER A 150 -11.11 10.01 1.47
N PHE A 151 -10.10 9.74 0.65
CA PHE A 151 -10.14 8.50 -0.15
C PHE A 151 -10.16 7.30 0.78
N ALA A 152 -9.56 7.45 1.96
CA ALA A 152 -9.53 6.35 2.93
C ALA A 152 -10.95 6.00 3.39
N ASP A 153 -11.81 7.01 3.47
CA ASP A 153 -13.20 6.73 3.84
C ASP A 153 -13.86 5.77 2.86
N TYR A 154 -13.74 6.06 1.56
CA TYR A 154 -14.41 5.21 0.57
C TYR A 154 -13.83 3.81 0.60
N ASN A 155 -12.51 3.75 0.83
CA ASN A 155 -11.87 2.44 0.83
C ASN A 155 -12.27 1.67 2.08
N LEU A 156 -12.26 2.38 3.21
CA LEU A 156 -12.71 1.75 4.46
C LEU A 156 -14.17 1.29 4.33
N LEU A 157 -15.03 2.19 3.86
CA LEU A 157 -16.44 1.87 3.71
C LEU A 157 -16.63 0.60 2.90
N ASP A 158 -15.95 0.52 1.77
CA ASP A 158 -16.08 -0.69 0.95
C ASP A 158 -15.62 -1.90 1.74
N LEU A 159 -14.52 -1.69 2.47
CA LEU A 159 -13.98 -2.80 3.27
C LEU A 159 -15.05 -3.31 4.23
N LEU A 160 -15.76 -2.39 4.87
CA LEU A 160 -16.81 -2.77 5.82
C LEU A 160 -18.02 -3.36 5.11
N LEU A 161 -18.32 -2.87 3.90
CA LEU A 161 -19.51 -3.38 3.22
C LEU A 161 -19.38 -4.86 2.86
N ILE A 162 -18.20 -5.24 2.39
CA ILE A 162 -17.99 -6.62 1.95
C ILE A 162 -17.85 -7.55 3.14
N HIS A 163 -17.35 -7.03 4.25
CA HIS A 163 -17.26 -7.85 5.46
C HIS A 163 -18.64 -8.06 6.05
N GLU A 164 -19.58 -7.14 5.83
CA GLU A 164 -20.96 -7.40 6.24
C GLU A 164 -21.59 -8.53 5.42
N VAL A 165 -21.12 -8.70 4.19
CA VAL A 165 -21.64 -9.78 3.36
C VAL A 165 -21.01 -11.11 3.78
N LEU A 166 -19.72 -11.08 4.12
CA LEU A 166 -19.05 -12.32 4.53
C LEU A 166 -19.37 -12.66 5.98
N ALA A 167 -19.58 -11.66 6.84
CA ALA A 167 -19.90 -11.91 8.24
C ALA A 167 -21.04 -11.00 8.69
N PRO A 168 -22.24 -11.40 8.34
CA PRO A 168 -23.42 -10.58 8.64
C PRO A 168 -23.50 -10.25 10.12
N GLY A 169 -23.65 -8.96 10.44
CA GLY A 169 -23.75 -8.47 11.80
C GLY A 169 -22.40 -8.23 12.45
N CYS A 170 -21.31 -8.41 11.68
CA CYS A 170 -19.99 -8.23 12.29
C CYS A 170 -19.81 -6.85 12.89
N LEU A 171 -20.56 -5.86 12.40
CA LEU A 171 -20.40 -4.51 12.93
C LEU A 171 -21.30 -4.28 14.14
N ASP A 172 -22.02 -5.30 14.56
CA ASP A 172 -22.87 -5.18 15.75
C ASP A 172 -22.02 -4.98 17.01
N ALA A 173 -20.72 -5.24 16.91
CA ALA A 173 -19.80 -5.06 18.03
C ALA A 173 -19.10 -3.71 18.00
N PHE A 174 -19.34 -2.95 16.92
CA PHE A 174 -18.69 -1.66 16.73
C PHE A 174 -19.71 -0.59 16.37
N PRO A 175 -20.32 -0.01 17.39
CA PRO A 175 -21.34 1.02 17.18
C PRO A 175 -20.85 2.16 16.29
N LEU A 176 -19.62 2.63 16.49
CA LEU A 176 -19.16 3.77 15.71
C LEU A 176 -19.07 3.41 14.23
N LEU A 177 -18.52 2.23 13.95
CA LEU A 177 -18.34 1.72 12.60
C LEU A 177 -19.69 1.51 11.90
N SER A 178 -20.65 0.95 12.63
CA SER A 178 -22.02 0.77 12.16
C SER A 178 -22.62 2.10 11.77
N ALA A 179 -22.59 3.08 12.69
CA ALA A 179 -23.16 4.38 12.37
C ALA A 179 -22.48 4.99 11.15
N TYR A 180 -21.17 4.88 11.08
CA TYR A 180 -20.36 5.36 9.97
C TYR A 180 -20.89 4.89 8.62
N VAL A 181 -21.03 3.58 8.47
CA VAL A 181 -21.52 2.91 7.28
C VAL A 181 -22.91 3.39 6.90
N GLY A 182 -23.77 3.55 7.91
CA GLY A 182 -25.10 4.07 7.65
C GLY A 182 -25.03 5.51 7.18
N ARG A 183 -24.17 6.29 7.81
CA ARG A 183 -24.00 7.69 7.44
C ARG A 183 -23.50 7.83 6.00
N LEU A 184 -22.30 7.36 5.73
CA LEU A 184 -21.73 7.46 4.40
C LEU A 184 -22.64 6.86 3.33
N SER A 185 -23.22 5.68 3.58
CA SER A 185 -24.11 5.07 2.60
C SER A 185 -25.29 5.98 2.25
N ALA A 186 -25.64 6.87 3.17
CA ALA A 186 -26.78 7.74 3.02
C ALA A 186 -26.47 9.00 2.24
N ARG A 187 -25.19 9.29 1.96
CA ARG A 187 -24.93 10.44 1.10
C ARG A 187 -25.66 10.24 -0.23
N PRO A 188 -26.44 11.24 -0.60
CA PRO A 188 -27.37 11.18 -1.73
C PRO A 188 -26.80 10.50 -2.96
N LYS A 189 -25.66 10.95 -3.49
CA LYS A 189 -25.13 10.36 -4.72
C LYS A 189 -24.60 8.95 -4.52
N LEU A 190 -23.99 8.70 -3.38
CA LEU A 190 -23.47 7.36 -3.06
C LEU A 190 -24.63 6.38 -2.91
N LYS A 191 -25.61 6.73 -2.08
CA LYS A 191 -26.80 5.90 -1.95
C LYS A 191 -27.38 5.62 -3.33
N ALA A 192 -27.56 6.68 -4.11
CA ALA A 192 -27.99 6.51 -5.49
C ALA A 192 -27.07 5.54 -6.24
N PHE A 193 -25.75 5.70 -6.18
CA PHE A 193 -24.87 4.83 -6.94
C PHE A 193 -24.96 3.37 -6.48
N LEU A 194 -25.04 3.21 -5.16
CA LEU A 194 -25.02 1.90 -4.53
C LEU A 194 -26.26 1.08 -4.83
N ALA A 195 -27.40 1.71 -5.04
CA ALA A 195 -28.58 0.93 -5.40
C ALA A 195 -28.70 0.74 -6.91
N SER A 196 -27.80 1.29 -7.70
CA SER A 196 -27.90 1.16 -9.16
C SER A 196 -27.39 -0.17 -9.70
N PRO A 197 -28.05 -0.66 -10.75
CA PRO A 197 -27.66 -1.91 -11.39
C PRO A 197 -26.19 -1.95 -11.81
N GLU A 198 -25.58 -0.80 -12.00
CA GLU A 198 -24.17 -0.74 -12.39
C GLU A 198 -23.27 -1.20 -11.25
N TYR A 199 -23.78 -1.04 -10.04
CA TYR A 199 -23.09 -1.54 -8.85
C TYR A 199 -23.69 -2.87 -8.39
N VAL A 200 -25.01 -2.90 -8.22
CA VAL A 200 -25.70 -4.08 -7.71
C VAL A 200 -25.48 -5.32 -8.59
N ASN A 201 -25.54 -5.19 -9.90
CA ASN A 201 -25.46 -6.35 -10.78
C ASN A 201 -24.05 -6.86 -11.02
N LEU A 202 -23.03 -6.29 -10.37
CA LEU A 202 -21.67 -6.80 -10.39
C LEU A 202 -21.42 -7.66 -9.16
N PRO A 203 -20.84 -8.83 -9.28
CA PRO A 203 -20.49 -9.61 -8.09
C PRO A 203 -19.29 -8.96 -7.40
N ILE A 204 -19.11 -9.25 -6.12
CA ILE A 204 -18.06 -8.58 -5.36
C ILE A 204 -16.68 -9.04 -5.80
N ASN A 205 -16.59 -10.34 -6.00
CA ASN A 205 -15.39 -11.05 -6.39
C ASN A 205 -15.58 -11.81 -7.70
N GLY A 206 -14.52 -12.39 -8.22
CA GLY A 206 -14.57 -13.05 -9.51
C GLY A 206 -14.81 -14.53 -9.44
N ASN A 207 -14.79 -15.12 -8.24
CA ASN A 207 -14.92 -16.57 -8.20
C ASN A 207 -16.28 -17.01 -7.62
N GLY A 208 -17.21 -16.07 -7.53
CA GLY A 208 -18.55 -16.38 -7.07
C GLY A 208 -18.64 -16.48 -5.56
N LYS A 209 -17.61 -16.01 -4.86
CA LYS A 209 -17.53 -16.09 -3.42
C LYS A 209 -17.67 -14.73 -2.74
N GLN A 210 -18.36 -14.71 -1.60
CA GLN A 210 -18.57 -13.52 -0.81
C GLN A 210 -19.01 -13.85 0.61
N PRO B 2 16.96 14.40 18.62
CA PRO B 2 16.62 13.99 17.26
C PRO B 2 15.14 14.18 16.98
N PRO B 3 14.85 14.90 15.89
CA PRO B 3 13.45 15.17 15.53
C PRO B 3 12.66 13.87 15.37
N TYR B 4 13.33 12.79 14.96
CA TYR B 4 12.62 11.58 14.61
C TYR B 4 12.93 10.42 15.56
N THR B 5 11.94 9.59 15.79
CA THR B 5 12.05 8.35 16.55
C THR B 5 11.47 7.18 15.75
N VAL B 6 12.26 6.11 15.70
CA VAL B 6 11.91 4.88 15.03
C VAL B 6 11.86 3.71 16.02
N VAL B 7 10.66 3.17 16.22
CA VAL B 7 10.45 2.05 17.12
C VAL B 7 10.20 0.76 16.35
N TYR B 8 11.12 -0.20 16.50
CA TYR B 8 11.04 -1.42 15.70
C TYR B 8 11.94 -2.51 16.25
N PHE B 9 11.81 -3.73 15.75
CA PHE B 9 12.67 -4.82 16.21
C PHE B 9 14.07 -4.66 15.66
N PRO B 10 15.05 -5.31 16.30
CA PRO B 10 16.45 -5.16 15.86
C PRO B 10 16.71 -5.87 14.54
N VAL B 11 15.98 -5.47 13.49
CA VAL B 11 16.17 -5.99 12.14
C VAL B 11 16.08 -4.86 11.13
N ARG B 12 16.40 -5.14 9.87
CA ARG B 12 16.24 -4.14 8.83
C ARG B 12 14.78 -4.08 8.36
N GLY B 13 14.30 -5.18 7.80
CA GLY B 13 12.94 -5.40 7.39
C GLY B 13 12.23 -4.18 6.83
N ARG B 14 11.09 -3.82 7.42
CA ARG B 14 10.29 -2.73 6.88
C ARG B 14 10.78 -1.37 7.36
N CYS B 15 11.96 -1.33 7.97
CA CYS B 15 12.52 -0.04 8.37
C CYS B 15 13.76 0.32 7.56
N ALA B 16 14.28 -0.64 6.81
CA ALA B 16 15.50 -0.36 6.04
C ALA B 16 15.32 0.82 5.09
N ALA B 17 14.24 0.83 4.30
CA ALA B 17 14.10 1.91 3.33
C ALA B 17 13.96 3.28 3.98
N LEU B 18 13.13 3.41 5.03
CA LEU B 18 12.97 4.74 5.64
C LEU B 18 14.26 5.14 6.37
N ARG B 19 15.04 4.18 6.83
CA ARG B 19 16.35 4.45 7.40
C ARG B 19 17.33 5.00 6.37
N MET B 20 17.35 4.33 5.21
CA MET B 20 18.22 4.77 4.12
C MET B 20 17.90 6.21 3.75
N LEU B 21 16.62 6.55 3.84
CA LEU B 21 16.09 7.84 3.44
C LEU B 21 16.51 8.96 4.38
N LEU B 22 16.40 8.68 5.69
CA LEU B 22 16.70 9.72 6.68
C LEU B 22 18.19 10.01 6.68
N ALA B 23 18.98 8.94 6.61
CA ALA B 23 20.43 9.13 6.53
C ALA B 23 20.77 9.93 5.28
N ASP B 24 20.25 9.47 4.14
CA ASP B 24 20.53 10.14 2.88
C ASP B 24 20.11 11.60 2.92
N GLN B 25 19.03 11.90 3.63
CA GLN B 25 18.55 13.28 3.66
C GLN B 25 19.20 14.10 4.76
N GLY B 26 20.29 13.57 5.30
CA GLY B 26 21.02 14.17 6.40
C GLY B 26 20.17 14.35 7.64
N GLN B 27 19.13 13.55 7.81
CA GLN B 27 18.25 13.71 8.98
C GLN B 27 18.82 12.97 10.18
N SER B 28 18.38 13.39 11.37
CA SER B 28 18.79 12.73 12.61
C SER B 28 17.60 12.03 13.24
N TRP B 29 17.85 10.87 13.86
CA TRP B 29 16.72 10.18 14.46
C TRP B 29 17.18 9.23 15.56
N LYS B 30 16.22 8.85 16.40
CA LYS B 30 16.42 7.88 17.46
C LYS B 30 15.87 6.51 17.10
N GLU B 31 16.64 5.47 17.41
CA GLU B 31 16.25 4.08 17.27
C GLU B 31 15.76 3.52 18.61
N GLU B 32 14.46 3.28 18.73
CA GLU B 32 13.93 2.60 19.91
C GLU B 32 13.83 1.10 19.60
N VAL B 33 14.85 0.34 19.99
CA VAL B 33 14.95 -1.09 19.70
C VAL B 33 14.08 -1.95 20.63
N VAL B 34 13.12 -2.65 20.03
CA VAL B 34 12.20 -3.54 20.70
C VAL B 34 12.66 -4.98 20.60
N THR B 35 12.91 -5.62 21.74
CA THR B 35 13.31 -7.03 21.72
C THR B 35 12.08 -7.93 21.77
N VAL B 36 12.26 -9.13 21.23
CA VAL B 36 11.21 -10.14 21.25
C VAL B 36 10.63 -10.25 22.65
N GLU B 37 11.56 -10.31 23.61
CA GLU B 37 11.11 -10.35 25.00
C GLU B 37 10.14 -9.21 25.25
N THR B 38 10.65 -7.99 25.06
CA THR B 38 9.83 -6.80 25.27
C THR B 38 8.52 -6.90 24.50
N TRP B 39 8.61 -7.42 23.27
CA TRP B 39 7.41 -7.51 22.47
C TRP B 39 6.44 -8.57 22.99
N GLN B 40 7.01 -9.71 23.39
CA GLN B 40 6.19 -10.78 23.95
C GLN B 40 5.40 -10.32 25.17
N GLU B 41 5.90 -9.29 25.84
CA GLU B 41 5.24 -8.67 26.99
C GLU B 41 3.75 -8.47 26.71
N GLY B 42 3.40 -7.57 25.81
CA GLY B 42 2.01 -7.31 25.45
C GLY B 42 1.65 -5.85 25.60
N SER B 43 2.37 -5.15 26.48
CA SER B 43 2.13 -3.74 26.73
C SER B 43 2.23 -2.90 25.46
N LEU B 44 3.42 -2.87 24.85
CA LEU B 44 3.63 -2.05 23.66
C LEU B 44 2.68 -2.41 22.52
N LYS B 45 2.66 -3.68 22.14
CA LYS B 45 1.83 -4.21 21.08
C LYS B 45 0.36 -3.83 21.23
N ALA B 46 -0.19 -4.03 22.43
CA ALA B 46 -1.59 -3.66 22.67
C ALA B 46 -1.79 -2.18 22.38
N SER B 47 -0.74 -1.42 22.61
CA SER B 47 -0.73 0.03 22.40
C SER B 47 -0.50 0.43 20.96
N CYS B 48 -0.13 -0.51 20.08
CA CYS B 48 0.08 -0.14 18.68
C CYS B 48 -1.24 -0.13 17.91
N LEU B 49 -1.45 0.84 17.03
CA LEU B 49 -2.75 0.98 16.36
C LEU B 49 -3.17 -0.32 15.67
N TYR B 50 -2.28 -0.90 14.89
CA TYR B 50 -2.59 -2.15 14.19
C TYR B 50 -1.86 -3.31 14.83
N GLY B 51 -1.40 -3.09 16.06
CA GLY B 51 -0.74 -4.06 16.89
C GLY B 51 0.59 -4.53 16.34
N GLN B 52 1.23 -3.68 15.54
CA GLN B 52 2.49 -4.07 14.92
C GLN B 52 3.47 -2.92 14.84
N LEU B 53 4.74 -3.27 14.58
CA LEU B 53 5.76 -2.26 14.34
C LEU B 53 6.12 -2.24 12.87
N PRO B 54 6.69 -1.17 12.35
CA PRO B 54 7.14 -0.02 13.11
C PRO B 54 6.06 1.01 13.49
N LYS B 55 6.47 1.83 14.44
CA LYS B 55 5.88 3.02 15.00
C LYS B 55 6.87 4.16 14.82
N PHE B 56 6.36 5.36 14.60
CA PHE B 56 7.25 6.47 14.28
C PHE B 56 6.73 7.74 14.93
N GLN B 57 7.66 8.52 15.45
CA GLN B 57 7.20 9.77 16.09
C GLN B 57 7.85 10.95 15.39
N ASP B 58 7.03 11.95 15.10
CA ASP B 58 7.58 13.18 14.53
C ASP B 58 6.97 14.34 15.32
N GLY B 59 7.71 14.82 16.32
CA GLY B 59 7.09 15.76 17.25
C GLY B 59 5.94 15.06 17.98
N ASP B 60 4.82 15.75 18.13
CA ASP B 60 3.65 15.20 18.79
C ASP B 60 2.96 14.13 17.94
N LEU B 61 3.43 13.96 16.72
CA LEU B 61 2.86 13.07 15.71
C LEU B 61 3.39 11.64 15.82
N THR B 62 2.47 10.70 15.97
CA THR B 62 2.83 9.28 15.99
C THR B 62 2.18 8.57 14.83
N LEU B 63 2.97 7.84 14.04
CA LEU B 63 2.33 7.06 12.97
C LEU B 63 2.71 5.59 13.09
N TYR B 64 1.95 4.75 12.40
CA TYR B 64 2.22 3.36 12.14
C TYR B 64 2.11 3.14 10.62
N GLN B 65 2.57 2.02 10.14
CA GLN B 65 2.59 1.62 8.73
C GLN B 65 3.83 2.19 8.02
N SER B 66 4.72 1.29 7.63
CA SER B 66 6.00 1.66 7.05
C SER B 66 5.79 2.50 5.81
N ASN B 67 4.74 2.16 5.05
CA ASN B 67 4.50 2.96 3.84
C ASN B 67 3.91 4.31 4.21
N THR B 68 3.16 4.37 5.32
CA THR B 68 2.69 5.69 5.75
C THR B 68 3.86 6.57 6.16
N ILE B 69 4.88 5.96 6.78
CA ILE B 69 6.02 6.76 7.22
C ILE B 69 6.86 7.22 6.04
N LEU B 70 7.00 6.37 5.02
CA LEU B 70 7.77 6.75 3.84
C LEU B 70 7.10 7.92 3.12
N ARG B 71 5.78 7.86 3.02
CA ARG B 71 5.02 8.91 2.33
C ARG B 71 5.06 10.20 3.13
N HIS B 72 5.05 10.05 4.46
CA HIS B 72 5.08 11.23 5.32
C HIS B 72 6.42 11.93 5.17
N LEU B 73 7.50 11.15 5.17
CA LEU B 73 8.81 11.78 4.97
C LEU B 73 8.92 12.31 3.55
N GLY B 74 8.36 11.58 2.58
CA GLY B 74 8.40 12.04 1.20
C GLY B 74 7.69 13.38 1.08
N ARG B 75 6.53 13.46 1.71
CA ARG B 75 5.69 14.66 1.71
C ARG B 75 6.35 15.81 2.43
N THR B 76 6.81 15.63 3.68
CA THR B 76 7.41 16.74 4.40
C THR B 76 8.80 17.08 3.91
N LEU B 77 9.57 16.12 3.40
CA LEU B 77 10.93 16.45 2.97
C LEU B 77 10.99 16.70 1.47
N GLY B 78 9.84 16.72 0.79
CA GLY B 78 9.89 17.01 -0.65
C GLY B 78 10.48 15.89 -1.47
N LEU B 79 10.18 14.64 -1.11
CA LEU B 79 10.58 13.48 -1.89
C LEU B 79 9.38 12.73 -2.44
N TYR B 80 8.52 13.44 -3.18
CA TYR B 80 7.26 12.86 -3.64
C TYR B 80 6.87 13.34 -5.03
N GLY B 81 7.86 13.50 -5.91
CA GLY B 81 7.55 14.01 -7.24
C GLY B 81 7.50 15.52 -7.28
N LYS B 82 7.49 16.10 -8.48
CA LYS B 82 7.49 17.55 -8.62
C LYS B 82 6.08 18.07 -8.79
N ASP B 83 5.17 17.17 -9.14
CA ASP B 83 3.78 17.53 -9.35
C ASP B 83 2.89 16.34 -9.01
N GLN B 84 1.59 16.58 -9.13
CA GLN B 84 0.58 15.56 -8.89
C GLN B 84 0.76 14.37 -9.81
N GLN B 85 1.24 14.62 -11.04
CA GLN B 85 1.45 13.53 -11.98
C GLN B 85 2.58 12.62 -11.53
N GLU B 86 3.70 13.22 -11.12
CA GLU B 86 4.84 12.46 -10.62
C GLU B 86 4.54 11.75 -9.31
N ALA B 87 3.75 12.40 -8.45
CA ALA B 87 3.39 11.74 -7.20
C ALA B 87 2.68 10.42 -7.46
N ALA B 88 1.76 10.45 -8.43
CA ALA B 88 0.99 9.26 -8.78
C ALA B 88 1.89 8.14 -9.27
N LEU B 89 2.81 8.49 -10.17
CA LEU B 89 3.80 7.49 -10.61
C LEU B 89 4.65 7.05 -9.41
N VAL B 90 5.04 8.00 -8.57
CA VAL B 90 5.78 7.65 -7.34
C VAL B 90 5.01 6.58 -6.58
N ASP B 91 3.70 6.80 -6.48
CA ASP B 91 2.82 5.87 -5.78
C ASP B 91 2.73 4.53 -6.46
N MET B 92 2.63 4.57 -7.79
CA MET B 92 2.59 3.35 -8.57
C MET B 92 3.83 2.53 -8.36
N VAL B 93 4.99 3.18 -8.31
CA VAL B 93 6.21 2.40 -8.03
C VAL B 93 6.16 1.81 -6.62
N ASN B 94 5.87 2.65 -5.64
CA ASN B 94 5.90 2.16 -4.25
C ASN B 94 4.90 1.05 -4.04
N ASP B 95 3.73 1.17 -4.68
CA ASP B 95 2.76 0.08 -4.58
C ASP B 95 3.31 -1.18 -5.22
N GLY B 96 4.05 -1.03 -6.34
CA GLY B 96 4.56 -2.25 -6.96
C GLY B 96 5.66 -2.85 -6.09
N VAL B 97 6.46 -1.96 -5.51
CA VAL B 97 7.52 -2.38 -4.59
C VAL B 97 6.91 -3.11 -3.40
N GLU B 98 5.81 -2.59 -2.87
CA GLU B 98 5.16 -3.26 -1.74
C GLU B 98 4.62 -4.64 -2.14
N ASP B 99 4.06 -4.76 -3.34
CA ASP B 99 3.55 -6.03 -3.83
C ASP B 99 4.63 -7.10 -3.88
N LEU B 100 5.83 -6.71 -4.37
CA LEU B 100 6.88 -7.73 -4.39
C LEU B 100 7.40 -7.96 -2.97
N ARG B 101 7.46 -6.92 -2.15
CA ARG B 101 7.92 -7.11 -0.77
C ARG B 101 7.04 -8.15 -0.08
N LYS B 103 5.44 -10.63 -1.33
CA LYS B 103 5.76 -11.98 -1.77
C LYS B 103 7.09 -12.44 -1.18
N TYR B 104 7.96 -11.46 -0.91
CA TYR B 104 9.28 -11.72 -0.33
C TYR B 104 9.14 -12.20 1.11
N VAL B 105 8.40 -11.46 1.93
CA VAL B 105 8.29 -11.86 3.34
C VAL B 105 7.52 -13.16 3.45
N SER B 106 6.68 -13.45 2.45
CA SER B 106 5.86 -14.66 2.54
C SER B 106 6.70 -15.90 2.29
N LEU B 107 7.67 -15.73 1.39
CA LEU B 107 8.69 -16.73 1.14
C LEU B 107 9.57 -16.93 2.37
N ILE B 108 10.19 -15.85 2.81
CA ILE B 108 11.11 -15.84 3.94
C ILE B 108 10.53 -16.49 5.19
N TYR B 109 9.35 -16.07 5.60
CA TYR B 109 8.81 -16.48 6.89
C TYR B 109 7.85 -17.66 6.82
N THR B 110 7.20 -17.92 5.67
CA THR B 110 6.23 -19.02 5.66
C THR B 110 6.57 -20.16 4.72
N ASN B 111 7.49 -19.99 3.77
CA ASN B 111 7.77 -21.07 2.83
C ASN B 111 9.15 -20.99 2.18
N TYR B 112 10.20 -20.71 2.95
CA TYR B 112 11.50 -20.49 2.31
C TYR B 112 11.94 -21.71 1.51
N GLU B 113 12.04 -22.86 2.17
CA GLU B 113 12.70 -24.03 1.61
C GLU B 113 11.99 -24.66 0.43
N ALA B 114 10.67 -24.68 0.39
CA ALA B 114 9.94 -25.33 -0.68
C ALA B 114 9.56 -24.41 -1.83
N GLY B 115 9.50 -23.09 -1.61
CA GLY B 115 9.08 -22.24 -2.71
C GLY B 115 10.19 -21.35 -3.23
N LYS B 116 11.40 -21.47 -2.69
CA LYS B 116 12.50 -20.60 -3.09
C LYS B 116 12.88 -20.76 -4.55
N ASP B 117 13.05 -22.01 -4.98
CA ASP B 117 13.39 -22.21 -6.39
C ASP B 117 12.33 -21.56 -7.28
N ASP B 118 11.08 -21.91 -6.97
CA ASP B 118 9.93 -21.41 -7.71
C ASP B 118 9.89 -19.89 -7.67
N TYR B 119 10.14 -19.34 -6.48
CA TYR B 119 10.19 -17.88 -6.34
C TYR B 119 11.26 -17.31 -7.24
N VAL B 120 12.41 -17.99 -7.30
CA VAL B 120 13.53 -17.39 -8.03
C VAL B 120 13.32 -17.55 -9.53
N LYS B 121 12.68 -18.64 -9.93
CA LYS B 121 12.33 -18.83 -11.32
C LYS B 121 11.45 -17.68 -11.81
N ALA B 122 10.64 -17.12 -10.91
CA ALA B 122 9.69 -16.08 -11.27
C ALA B 122 10.24 -14.67 -11.07
N LEU B 123 11.35 -14.53 -10.38
CA LEU B 123 11.93 -13.22 -10.07
C LEU B 123 12.08 -12.27 -11.25
N PRO B 124 12.73 -12.67 -12.35
CA PRO B 124 13.03 -11.70 -13.42
C PRO B 124 11.75 -11.05 -13.94
N GLY B 125 10.75 -11.88 -14.17
CA GLY B 125 9.42 -11.39 -14.54
C GLY B 125 8.90 -10.41 -13.50
N GLN B 126 9.32 -10.55 -12.24
CA GLN B 126 8.88 -9.65 -11.19
C GLN B 126 9.71 -8.38 -11.19
N LEU B 127 10.97 -8.49 -11.61
CA LEU B 127 11.86 -7.33 -11.66
C LEU B 127 11.71 -6.54 -12.97
N LYS B 128 11.36 -7.21 -14.06
CA LYS B 128 11.18 -6.56 -15.36
C LYS B 128 10.38 -5.26 -15.29
N PRO B 129 9.26 -5.16 -14.59
CA PRO B 129 8.55 -3.87 -14.57
C PRO B 129 9.39 -2.69 -14.11
N PHE B 130 10.31 -2.87 -13.16
CA PHE B 130 11.06 -1.72 -12.67
C PHE B 130 12.14 -1.29 -13.66
N GLU B 131 12.72 -2.21 -14.41
CA GLU B 131 13.68 -1.76 -15.44
C GLU B 131 12.93 -1.07 -16.57
N THR B 132 11.73 -1.59 -16.85
CA THR B 132 10.88 -0.91 -17.82
C THR B 132 10.58 0.51 -17.38
N LEU B 133 10.35 0.70 -16.08
CA LEU B 133 10.04 2.04 -15.58
C LEU B 133 11.22 2.98 -15.77
N LEU B 134 12.41 2.49 -15.44
CA LEU B 134 13.65 3.23 -15.66
C LEU B 134 13.86 3.46 -17.16
N SER B 135 13.57 2.45 -17.97
CA SER B 135 13.75 2.63 -19.42
C SER B 135 12.93 3.78 -19.98
N GLN B 136 11.86 4.19 -19.31
CA GLN B 136 10.99 5.23 -19.86
C GLN B 136 11.26 6.58 -19.21
N ASN B 137 12.24 6.63 -18.32
CA ASN B 137 12.55 7.89 -17.64
C ASN B 137 13.98 8.32 -17.91
N GLN B 138 14.23 8.96 -19.04
CA GLN B 138 15.58 9.48 -19.31
C GLN B 138 16.60 8.37 -19.42
N GLY B 139 16.25 7.23 -20.00
CA GLY B 139 17.21 6.16 -20.20
C GLY B 139 17.69 5.54 -18.91
N GLY B 140 16.95 5.78 -17.83
CA GLY B 140 17.24 5.26 -16.50
C GLY B 140 18.50 5.81 -15.89
N LYS B 141 18.82 7.09 -16.12
CA LYS B 141 20.07 7.68 -15.64
C LYS B 141 19.85 8.51 -14.38
N THR B 142 18.63 8.78 -13.98
CA THR B 142 18.31 9.59 -12.81
C THR B 142 17.68 8.76 -11.71
N PHE B 143 16.38 8.94 -11.51
CA PHE B 143 15.66 8.23 -10.46
C PHE B 143 14.46 7.48 -11.02
N ILE B 144 13.78 6.71 -10.17
CA ILE B 144 12.69 5.85 -10.65
C ILE B 144 11.60 6.69 -11.29
N VAL B 145 11.36 7.88 -10.76
CA VAL B 145 10.38 8.81 -11.28
C VAL B 145 11.01 10.20 -11.35
N GLY B 146 10.98 10.82 -12.53
CA GLY B 146 11.52 12.16 -12.68
C GLY B 146 13.03 12.21 -12.48
N ASP B 147 13.54 13.41 -12.27
CA ASP B 147 14.98 13.62 -12.09
C ASP B 147 15.28 14.04 -10.66
N GLN B 148 14.33 13.81 -9.78
CA GLN B 148 14.55 14.08 -8.36
C GLN B 148 14.32 12.81 -7.55
N ILE B 149 15.06 12.64 -6.47
CA ILE B 149 14.85 11.43 -5.67
C ILE B 149 13.51 11.53 -4.94
N SER B 150 12.85 10.40 -4.77
CA SER B 150 11.57 10.26 -4.08
C SER B 150 11.63 9.14 -3.04
N PHE B 151 10.64 9.04 -2.16
CA PHE B 151 10.67 7.98 -1.15
C PHE B 151 10.67 6.60 -1.79
N ALA B 152 10.10 6.50 -2.99
CA ALA B 152 9.94 5.20 -3.66
C ALA B 152 11.28 4.67 -4.13
N ASP B 153 12.22 5.57 -4.38
CA ASP B 153 13.59 5.21 -4.74
C ASP B 153 14.22 4.40 -3.62
N TYR B 154 14.11 4.92 -2.39
CA TYR B 154 14.76 4.20 -1.30
C TYR B 154 14.08 2.87 -1.05
N ASN B 155 12.76 2.82 -1.25
CA ASN B 155 12.03 1.58 -1.05
C ASN B 155 12.40 0.55 -2.10
N LEU B 156 12.50 0.97 -3.36
CA LEU B 156 12.87 0.02 -4.41
C LEU B 156 14.33 -0.39 -4.26
N LEU B 157 15.17 0.57 -3.90
CA LEU B 157 16.58 0.27 -3.62
C LEU B 157 16.67 -0.87 -2.63
N ASP B 158 15.96 -0.75 -1.51
CA ASP B 158 16.02 -1.82 -0.51
C ASP B 158 15.62 -3.16 -1.10
N LEU B 159 14.46 -3.16 -1.77
CA LEU B 159 13.95 -4.37 -2.39
C LEU B 159 14.98 -5.00 -3.33
N LEU B 160 15.72 -4.15 -4.04
CA LEU B 160 16.72 -4.71 -4.96
C LEU B 160 17.86 -5.30 -4.17
N LEU B 161 18.32 -4.54 -3.18
CA LEU B 161 19.42 -5.02 -2.34
C LEU B 161 19.13 -6.36 -1.69
N ILE B 162 17.94 -6.56 -1.11
CA ILE B 162 17.64 -7.81 -0.42
C ILE B 162 17.44 -8.95 -1.40
N HIS B 163 17.12 -8.64 -2.65
CA HIS B 163 16.94 -9.71 -3.64
C HIS B 163 18.28 -10.19 -4.18
N GLU B 164 19.24 -9.27 -4.28
CA GLU B 164 20.61 -9.64 -4.63
C GLU B 164 21.19 -10.67 -3.67
N VAL B 165 20.83 -10.57 -2.39
CA VAL B 165 21.23 -11.52 -1.36
C VAL B 165 20.49 -12.86 -1.54
N LEU B 166 19.18 -12.75 -1.77
CA LEU B 166 18.34 -13.93 -1.98
C LEU B 166 18.74 -14.63 -3.27
N ALA B 167 19.00 -13.84 -4.32
CA ALA B 167 19.27 -14.39 -5.63
C ALA B 167 20.33 -13.57 -6.37
N PRO B 168 21.58 -13.73 -5.93
CA PRO B 168 22.71 -13.01 -6.50
C PRO B 168 22.74 -13.07 -8.03
N GLY B 169 23.07 -11.95 -8.65
CA GLY B 169 23.07 -11.85 -10.11
C GLY B 169 21.69 -11.69 -10.70
N CYS B 170 20.67 -11.58 -9.84
CA CYS B 170 19.29 -11.46 -10.34
C CYS B 170 19.10 -10.20 -11.18
N LEU B 171 19.99 -9.25 -10.99
CA LEU B 171 20.03 -7.95 -11.63
C LEU B 171 20.88 -7.96 -12.88
N ASP B 172 21.68 -9.00 -13.08
CA ASP B 172 22.66 -9.02 -14.18
C ASP B 172 22.01 -8.84 -15.54
N ALA B 173 20.74 -9.22 -15.64
CA ALA B 173 20.07 -9.15 -16.94
C ALA B 173 19.39 -7.80 -17.14
N PHE B 174 19.47 -6.94 -16.14
CA PHE B 174 18.81 -5.63 -16.11
C PHE B 174 19.81 -4.51 -15.93
N PRO B 175 20.31 -3.97 -17.04
CA PRO B 175 21.40 -3.00 -16.99
C PRO B 175 21.00 -1.73 -16.24
N LEU B 176 19.79 -1.24 -16.52
CA LEU B 176 19.35 0.00 -15.91
C LEU B 176 19.22 -0.17 -14.39
N LEU B 177 18.65 -1.29 -13.97
CA LEU B 177 18.47 -1.62 -12.57
C LEU B 177 19.84 -1.73 -11.89
N SER B 178 20.74 -2.45 -12.56
CA SER B 178 22.09 -2.66 -12.06
C SER B 178 22.79 -1.32 -11.80
N ALA B 179 22.73 -0.44 -12.80
CA ALA B 179 23.40 0.85 -12.68
C ALA B 179 22.74 1.78 -11.68
N TYR B 180 21.42 1.63 -11.51
CA TYR B 180 20.66 2.46 -10.57
C TYR B 180 21.08 2.13 -9.15
N VAL B 181 21.26 0.84 -8.88
CA VAL B 181 21.73 0.38 -7.59
C VAL B 181 23.10 0.98 -7.28
N GLY B 182 24.03 0.84 -8.22
CA GLY B 182 25.38 1.36 -8.02
C GLY B 182 25.40 2.85 -7.78
N ARG B 183 24.61 3.56 -8.59
CA ARG B 183 24.54 5.00 -8.51
C ARG B 183 23.97 5.48 -7.19
N LEU B 184 22.83 4.91 -6.79
CA LEU B 184 22.20 5.33 -5.53
C LEU B 184 23.06 4.96 -4.33
N SER B 185 23.62 3.76 -4.28
CA SER B 185 24.50 3.28 -3.23
C SER B 185 25.78 4.11 -3.08
N ALA B 186 26.14 4.89 -4.08
CA ALA B 186 27.39 5.65 -4.10
C ALA B 186 27.16 7.07 -3.61
N ARG B 187 25.90 7.48 -3.47
CA ARG B 187 25.66 8.79 -2.83
C ARG B 187 26.33 8.76 -1.45
N PRO B 188 27.11 9.77 -1.09
CA PRO B 188 28.02 9.72 0.06
C PRO B 188 27.34 9.29 1.35
N LYS B 189 26.41 10.10 1.84
CA LYS B 189 25.74 9.80 3.10
C LYS B 189 25.12 8.42 3.07
N LEU B 190 24.47 8.07 1.96
CA LEU B 190 23.84 6.75 1.87
C LEU B 190 24.93 5.69 1.90
N LYS B 191 26.02 5.98 1.22
CA LYS B 191 27.19 5.12 1.15
C LYS B 191 27.75 4.75 2.51
N ALA B 192 28.01 5.78 3.30
CA ALA B 192 28.52 5.63 4.67
C ALA B 192 27.49 4.93 5.52
N PHE B 193 26.21 5.28 5.37
CA PHE B 193 25.20 4.59 6.16
C PHE B 193 25.22 3.09 5.87
N LEU B 194 25.20 2.73 4.59
CA LEU B 194 25.11 1.33 4.20
C LEU B 194 26.37 0.58 4.63
N ALA B 195 27.46 1.32 4.78
CA ALA B 195 28.70 0.70 5.25
C ALA B 195 28.78 0.70 6.78
N SER B 196 27.82 1.31 7.45
CA SER B 196 27.81 1.43 8.90
C SER B 196 27.33 0.15 9.60
N PRO B 197 27.89 -0.08 10.78
CA PRO B 197 27.56 -1.29 11.55
C PRO B 197 26.08 -1.37 11.90
N GLU B 198 25.43 -0.22 12.05
CA GLU B 198 24.01 -0.26 12.44
C GLU B 198 23.13 -0.75 11.29
N TYR B 199 23.74 -0.77 10.10
CA TYR B 199 23.09 -1.40 8.96
C TYR B 199 23.68 -2.79 8.76
N VAL B 200 25.00 -2.81 8.55
CA VAL B 200 25.70 -4.05 8.22
C VAL B 200 25.49 -5.17 9.23
N ASN B 201 25.43 -4.85 10.52
CA ASN B 201 25.36 -5.86 11.57
C ASN B 201 23.94 -6.07 12.08
N LEU B 202 22.96 -5.65 11.28
CA LEU B 202 21.55 -5.98 11.52
C LEU B 202 21.17 -7.05 10.52
N PRO B 203 20.51 -8.13 10.93
CA PRO B 203 20.06 -9.13 9.95
C PRO B 203 18.95 -8.55 9.07
N ILE B 204 18.75 -9.12 7.88
CA ILE B 204 17.68 -8.57 7.04
C ILE B 204 16.32 -8.93 7.62
N ASN B 205 16.11 -10.19 7.99
CA ASN B 205 14.81 -10.55 8.53
C ASN B 205 14.93 -11.03 9.97
N GLY B 206 13.82 -11.42 10.59
CA GLY B 206 13.84 -11.81 11.99
C GLY B 206 14.03 -13.29 12.24
N ASN B 207 14.08 -14.12 11.20
CA ASN B 207 14.20 -15.55 11.39
C ASN B 207 15.50 -16.11 10.83
N GLY B 208 16.50 -15.27 10.61
CA GLY B 208 17.79 -15.73 10.11
C GLY B 208 17.82 -16.14 8.66
N LYS B 209 16.72 -16.04 7.91
CA LYS B 209 16.81 -16.40 6.49
C LYS B 209 16.91 -15.16 5.61
N GLN B 210 17.51 -15.30 4.43
CA GLN B 210 17.68 -14.14 3.56
C GLN B 210 17.94 -14.52 2.11
#